data_1WWR
#
_entry.id   1WWR
#
_cell.length_a   43.176
_cell.length_b   151.953
_cell.length_c   54.133
_cell.angle_alpha   90.00
_cell.angle_beta   113.42
_cell.angle_gamma   90.00
#
_symmetry.space_group_name_H-M   'P 1 21 1'
#
loop_
_entity.id
_entity.type
_entity.pdbx_description
1 polymer 'tRNA adenosine deaminase TadA'
2 non-polymer 'ZINC ION'
3 water water
#
_entity_poly.entity_id   1
_entity_poly.type   'polypeptide(L)'
_entity_poly.pdbx_seq_one_letter_code
;MGSSHHHHHHSSGLVPRGSHMGKEYFLKVALREAKRAFEKGEVPVGAIIVKEGEIISKAHNSVEELKDPTAHAEMLAIKE
ACRRLNTKYLEGCELYVTLEPCIMCSYALVLSRIEKVIFSALDKKHGGVVSVFNILDEPTLNHRVKWEYYPLEEASELLS
EFFKKLRNNII
;
_entity_poly.pdbx_strand_id   A,B,C,D
#
loop_
_chem_comp.id
_chem_comp.type
_chem_comp.name
_chem_comp.formula
ZN non-polymer 'ZINC ION' 'Zn 2'
#
# COMPACT_ATOMS: atom_id res chain seq x y z
N GLY A 18 39.65 -12.91 -21.94
CA GLY A 18 38.90 -12.41 -20.75
C GLY A 18 38.20 -13.52 -19.99
N SER A 19 37.58 -13.17 -18.87
CA SER A 19 36.87 -14.16 -18.06
C SER A 19 35.54 -14.55 -18.71
N HIS A 20 34.94 -15.62 -18.20
CA HIS A 20 33.68 -16.13 -18.72
C HIS A 20 32.48 -15.23 -18.48
N MET A 21 31.91 -14.70 -19.57
CA MET A 21 30.74 -13.85 -19.48
C MET A 21 29.57 -14.48 -20.23
N GLY A 22 29.03 -15.53 -19.62
CA GLY A 22 27.91 -16.24 -20.20
C GLY A 22 26.63 -15.85 -19.46
N LYS A 23 25.64 -16.75 -19.53
CA LYS A 23 24.35 -16.51 -18.90
C LYS A 23 24.39 -16.31 -17.39
N GLU A 24 25.17 -17.13 -16.69
CA GLU A 24 25.26 -16.99 -15.25
C GLU A 24 25.85 -15.62 -14.91
N TYR A 25 26.87 -15.20 -15.65
CA TYR A 25 27.48 -13.92 -15.41
C TYR A 25 26.51 -12.76 -15.55
N PHE A 26 25.80 -12.72 -16.66
CA PHE A 26 24.85 -11.64 -16.89
C PHE A 26 23.67 -11.68 -15.94
N LEU A 27 23.25 -12.88 -15.53
CA LEU A 27 22.13 -12.98 -14.59
C LEU A 27 22.60 -12.51 -13.22
N LYS A 28 23.88 -12.72 -12.93
CA LYS A 28 24.49 -12.29 -11.68
C LYS A 28 24.52 -10.76 -11.64
N VAL A 29 24.77 -10.15 -12.80
CA VAL A 29 24.75 -8.69 -12.87
C VAL A 29 23.32 -8.19 -12.60
N ALA A 30 22.33 -8.89 -13.18
CA ALA A 30 20.93 -8.54 -12.99
C ALA A 30 20.55 -8.69 -11.51
N LEU A 31 21.10 -9.71 -10.88
CA LEU A 31 20.84 -9.97 -9.47
C LEU A 31 21.30 -8.80 -8.60
N ARG A 32 22.35 -8.09 -9.02
CA ARG A 32 22.82 -6.92 -8.26
C ARG A 32 21.72 -5.86 -8.33
N GLU A 33 21.05 -5.74 -9.47
CA GLU A 33 19.96 -4.77 -9.59
C GLU A 33 18.77 -5.21 -8.74
N ALA A 34 18.55 -6.51 -8.64
CA ALA A 34 17.44 -7.01 -7.82
C ALA A 34 17.77 -6.73 -6.36
N LYS A 35 19.05 -6.86 -6.01
CA LYS A 35 19.53 -6.60 -4.66
C LYS A 35 19.27 -5.15 -4.33
N ARG A 36 19.61 -4.26 -5.27
CA ARG A 36 19.41 -2.83 -5.09
C ARG A 36 17.92 -2.57 -4.86
N ALA A 37 17.07 -3.23 -5.62
CA ALA A 37 15.63 -3.03 -5.44
C ALA A 37 15.21 -3.47 -4.04
N PHE A 38 15.71 -4.62 -3.60
CA PHE A 38 15.35 -5.15 -2.28
C PHE A 38 15.72 -4.11 -1.23
N GLU A 39 16.91 -3.55 -1.37
CA GLU A 39 17.39 -2.55 -0.43
C GLU A 39 16.53 -1.29 -0.43
N LYS A 40 15.89 -1.00 -1.57
CA LYS A 40 15.03 0.17 -1.69
C LYS A 40 13.57 -0.11 -1.31
N GLY A 41 13.28 -1.32 -0.83
CA GLY A 41 11.92 -1.65 -0.43
C GLY A 41 10.99 -2.02 -1.58
N GLU A 42 11.58 -2.35 -2.72
CA GLU A 42 10.84 -2.73 -3.92
C GLU A 42 10.77 -4.25 -4.03
N VAL A 43 9.93 -4.74 -4.94
CA VAL A 43 9.86 -6.18 -5.20
C VAL A 43 11.26 -6.36 -5.82
N PRO A 44 12.04 -7.35 -5.35
CA PRO A 44 13.39 -7.56 -5.86
C PRO A 44 13.62 -8.23 -7.21
N VAL A 45 13.43 -7.47 -8.28
CA VAL A 45 13.65 -7.98 -9.63
C VAL A 45 14.56 -7.00 -10.37
N GLY A 46 15.62 -7.54 -10.97
CA GLY A 46 16.55 -6.74 -11.74
C GLY A 46 16.61 -7.21 -13.19
N ALA A 47 16.96 -6.31 -14.10
CA ALA A 47 17.07 -6.65 -15.51
C ALA A 47 18.17 -5.85 -16.18
N ILE A 48 18.82 -6.46 -17.17
CA ILE A 48 19.85 -5.76 -17.93
C ILE A 48 19.64 -6.15 -19.41
N ILE A 49 20.07 -5.27 -20.30
CA ILE A 49 19.95 -5.51 -21.73
C ILE A 49 21.38 -5.61 -22.26
N VAL A 50 21.65 -6.66 -23.01
CA VAL A 50 22.98 -6.90 -23.55
C VAL A 50 22.97 -6.98 -25.07
N LYS A 51 23.97 -6.37 -25.70
CA LYS A 51 24.06 -6.41 -27.16
C LYS A 51 25.51 -6.71 -27.51
N GLU A 52 25.73 -7.84 -28.17
CA GLU A 52 27.08 -8.24 -28.55
C GLU A 52 28.03 -8.24 -27.34
N GLY A 53 27.56 -8.81 -26.23
CA GLY A 53 28.36 -8.90 -25.02
C GLY A 53 28.55 -7.63 -24.21
N GLU A 54 27.99 -6.53 -24.68
CA GLU A 54 28.09 -5.26 -23.99
C GLU A 54 26.79 -4.96 -23.23
N ILE A 55 26.90 -4.52 -21.99
CA ILE A 55 25.70 -4.19 -21.22
C ILE A 55 25.24 -2.81 -21.67
N ILE A 56 24.02 -2.74 -22.22
CA ILE A 56 23.45 -1.49 -22.72
C ILE A 56 22.68 -0.72 -21.67
N SER A 57 21.91 -1.44 -20.85
CA SER A 57 21.16 -0.82 -19.78
C SER A 57 21.00 -1.77 -18.61
N LYS A 58 20.68 -1.19 -17.46
CA LYS A 58 20.46 -1.92 -16.21
C LYS A 58 19.30 -1.24 -15.52
N ALA A 59 18.43 -2.01 -14.89
CA ALA A 59 17.31 -1.40 -14.20
C ALA A 59 16.75 -2.35 -13.15
N HIS A 60 15.90 -1.84 -12.26
CA HIS A 60 15.29 -2.68 -11.25
C HIS A 60 13.85 -2.23 -11.05
N ASN A 61 13.04 -3.12 -10.51
CA ASN A 61 11.64 -2.81 -10.27
C ASN A 61 11.61 -1.55 -9.39
N SER A 62 10.90 -0.53 -9.85
CA SER A 62 10.86 0.73 -9.11
C SER A 62 9.44 1.24 -8.90
N VAL A 63 8.50 0.32 -8.80
CA VAL A 63 7.11 0.66 -8.60
C VAL A 63 6.87 1.57 -7.40
N GLU A 64 7.45 1.21 -6.26
CA GLU A 64 7.25 1.99 -5.07
C GLU A 64 7.81 3.40 -5.12
N GLU A 65 9.04 3.56 -5.63
CA GLU A 65 9.61 4.88 -5.66
C GLU A 65 9.00 5.79 -6.70
N LEU A 66 8.60 5.24 -7.84
CA LEU A 66 8.01 6.05 -8.89
C LEU A 66 6.48 6.12 -8.81
N LYS A 67 5.88 5.41 -7.86
CA LYS A 67 4.42 5.39 -7.73
C LYS A 67 3.86 5.12 -9.12
N ASP A 68 4.34 4.04 -9.72
CA ASP A 68 3.97 3.65 -11.07
C ASP A 68 3.92 2.12 -11.13
N PRO A 69 2.70 1.55 -11.23
CA PRO A 69 2.55 0.10 -11.29
C PRO A 69 3.18 -0.55 -12.52
N THR A 70 3.56 0.24 -13.51
CA THR A 70 4.15 -0.29 -14.73
C THR A 70 5.67 -0.20 -14.72
N ALA A 71 6.23 0.38 -13.66
CA ALA A 71 7.68 0.53 -13.57
C ALA A 71 8.43 -0.76 -13.20
N HIS A 72 8.18 -1.83 -13.93
CA HIS A 72 8.87 -3.10 -13.69
C HIS A 72 10.28 -3.00 -14.28
N ALA A 73 11.21 -3.77 -13.76
CA ALA A 73 12.61 -3.72 -14.21
C ALA A 73 12.74 -3.79 -15.74
N GLU A 74 12.10 -4.78 -16.35
CA GLU A 74 12.15 -4.95 -17.80
C GLU A 74 11.73 -3.70 -18.56
N MET A 75 10.63 -3.09 -18.13
CA MET A 75 10.13 -1.92 -18.80
C MET A 75 11.15 -0.79 -18.74
N LEU A 76 11.72 -0.59 -17.57
CA LEU A 76 12.71 0.47 -17.39
C LEU A 76 13.97 0.17 -18.19
N ALA A 77 14.39 -1.09 -18.18
CA ALA A 77 15.58 -1.48 -18.95
C ALA A 77 15.38 -1.24 -20.45
N ILE A 78 14.20 -1.60 -20.96
CA ILE A 78 13.89 -1.40 -22.38
C ILE A 78 13.94 0.08 -22.73
N LYS A 79 13.27 0.91 -21.92
CA LYS A 79 13.25 2.33 -22.19
C LYS A 79 14.67 2.92 -22.22
N GLU A 80 15.51 2.51 -21.28
CA GLU A 80 16.89 3.03 -21.22
C GLU A 80 17.74 2.55 -22.39
N ALA A 81 17.55 1.30 -22.78
CA ALA A 81 18.32 0.76 -23.91
C ALA A 81 17.92 1.47 -25.20
N CYS A 82 16.62 1.70 -25.36
CA CYS A 82 16.10 2.39 -26.54
C CYS A 82 16.64 3.81 -26.59
N ARG A 83 16.75 4.41 -25.42
CA ARG A 83 17.25 5.77 -25.28
C ARG A 83 18.75 5.81 -25.64
N ARG A 84 19.51 4.85 -25.14
CA ARG A 84 20.95 4.84 -25.43
C ARG A 84 21.26 4.50 -26.89
N LEU A 85 20.54 3.54 -27.45
CA LEU A 85 20.75 3.17 -28.84
C LEU A 85 20.00 4.11 -29.79
N ASN A 86 19.21 5.01 -29.22
CA ASN A 86 18.40 5.98 -29.99
C ASN A 86 17.62 5.23 -31.05
N THR A 87 16.91 4.20 -30.62
CA THR A 87 16.13 3.38 -31.53
C THR A 87 14.92 2.82 -30.82
N LYS A 88 13.83 2.64 -31.56
CA LYS A 88 12.60 2.10 -31.01
C LYS A 88 12.70 0.59 -30.83
N TYR A 89 13.47 -0.07 -31.70
CA TYR A 89 13.63 -1.50 -31.63
C TYR A 89 14.97 -1.90 -31.05
N LEU A 90 14.98 -3.05 -30.37
CA LEU A 90 16.19 -3.55 -29.74
C LEU A 90 16.60 -4.85 -30.44
N GLU A 91 16.59 -4.82 -31.77
CA GLU A 91 16.97 -6.00 -32.51
C GLU A 91 18.38 -6.42 -32.15
N GLY A 92 18.60 -7.73 -32.06
CA GLY A 92 19.90 -8.26 -31.71
C GLY A 92 20.25 -8.14 -30.23
N CYS A 93 19.34 -7.61 -29.42
CA CYS A 93 19.62 -7.47 -27.98
C CYS A 93 19.03 -8.59 -27.18
N GLU A 94 19.68 -8.90 -26.07
CA GLU A 94 19.17 -9.93 -25.17
C GLU A 94 18.82 -9.28 -23.85
N LEU A 95 17.74 -9.74 -23.24
CA LEU A 95 17.34 -9.21 -21.94
C LEU A 95 17.52 -10.30 -20.88
N TYR A 96 18.24 -9.97 -19.81
CA TYR A 96 18.44 -10.92 -18.71
C TYR A 96 17.68 -10.35 -17.54
N VAL A 97 16.75 -11.14 -16.99
CA VAL A 97 15.92 -10.68 -15.88
C VAL A 97 15.90 -11.76 -14.79
N THR A 98 15.87 -11.35 -13.53
CA THR A 98 15.94 -12.31 -12.43
C THR A 98 14.69 -13.14 -12.17
N LEU A 99 13.57 -12.69 -12.71
CA LEU A 99 12.30 -13.39 -12.56
C LEU A 99 11.59 -13.44 -13.91
N GLU A 100 10.93 -14.56 -14.19
CA GLU A 100 10.17 -14.69 -15.44
C GLU A 100 9.32 -13.43 -15.66
N PRO A 101 9.44 -12.78 -16.83
CA PRO A 101 8.63 -11.57 -17.04
C PRO A 101 7.12 -11.79 -16.99
N CYS A 102 6.43 -10.83 -16.39
CA CYS A 102 4.98 -10.88 -16.26
C CYS A 102 4.37 -10.71 -17.66
N ILE A 103 3.05 -10.79 -17.74
CA ILE A 103 2.35 -10.67 -19.02
C ILE A 103 2.62 -9.35 -19.72
N MET A 104 2.53 -8.24 -18.98
CA MET A 104 2.80 -6.92 -19.54
C MET A 104 4.22 -6.84 -20.13
N CYS A 105 5.21 -7.23 -19.34
CA CYS A 105 6.61 -7.18 -19.79
C CYS A 105 6.91 -8.16 -20.91
N SER A 106 6.25 -9.32 -20.90
CA SER A 106 6.49 -10.28 -21.95
C SER A 106 6.10 -9.69 -23.31
N TYR A 107 4.96 -9.00 -23.37
CA TYR A 107 4.56 -8.43 -24.65
C TYR A 107 5.41 -7.23 -25.01
N ALA A 108 5.92 -6.54 -24.00
CA ALA A 108 6.79 -5.39 -24.24
C ALA A 108 8.04 -5.88 -24.99
N LEU A 109 8.45 -7.12 -24.71
CA LEU A 109 9.62 -7.74 -25.34
C LEU A 109 9.33 -7.93 -26.82
N VAL A 110 8.10 -8.34 -27.13
CA VAL A 110 7.71 -8.55 -28.51
C VAL A 110 7.69 -7.19 -29.22
N LEU A 111 7.06 -6.21 -28.59
CA LEU A 111 6.97 -4.88 -29.16
C LEU A 111 8.33 -4.23 -29.42
N SER A 112 9.30 -4.48 -28.55
CA SER A 112 10.63 -3.91 -28.73
C SER A 112 11.54 -4.77 -29.62
N ARG A 113 11.03 -5.93 -30.04
CA ARG A 113 11.77 -6.85 -30.89
C ARG A 113 13.07 -7.40 -30.32
N ILE A 114 13.09 -7.60 -29.00
CA ILE A 114 14.23 -8.18 -28.32
C ILE A 114 14.42 -9.56 -28.94
N GLU A 115 15.67 -9.98 -29.07
CA GLU A 115 16.03 -11.27 -29.67
C GLU A 115 15.74 -12.46 -28.76
N LYS A 116 16.09 -12.30 -27.49
CA LYS A 116 15.92 -13.37 -26.53
C LYS A 116 15.87 -12.85 -25.10
N VAL A 117 15.12 -13.55 -24.25
CA VAL A 117 15.06 -13.20 -22.84
C VAL A 117 15.50 -14.42 -22.04
N ILE A 118 16.33 -14.18 -21.04
CA ILE A 118 16.83 -15.26 -20.19
C ILE A 118 16.43 -14.88 -18.76
N PHE A 119 15.78 -15.81 -18.05
CA PHE A 119 15.35 -15.54 -16.68
C PHE A 119 15.75 -16.65 -15.72
N SER A 120 15.95 -16.29 -14.46
CA SER A 120 16.44 -17.23 -13.44
C SER A 120 15.47 -17.75 -12.37
N ALA A 121 14.19 -17.45 -12.51
CA ALA A 121 13.18 -17.94 -11.59
C ALA A 121 11.84 -17.86 -12.29
N LEU A 122 10.89 -18.69 -11.87
CA LEU A 122 9.57 -18.69 -12.48
C LEU A 122 8.57 -17.91 -11.65
N ASP A 123 7.58 -17.32 -12.32
CA ASP A 123 6.52 -16.58 -11.65
C ASP A 123 5.20 -17.28 -12.00
N LYS A 124 4.74 -18.16 -11.12
CA LYS A 124 3.51 -18.92 -11.33
C LYS A 124 2.20 -18.14 -11.49
N LYS A 125 2.09 -17.01 -10.80
CA LYS A 125 0.88 -16.20 -10.84
C LYS A 125 0.85 -15.08 -11.86
N HIS A 126 2.00 -14.64 -12.35
CA HIS A 126 2.01 -13.52 -13.29
C HIS A 126 2.86 -13.72 -14.54
N GLY A 127 3.62 -14.80 -14.57
CA GLY A 127 4.50 -15.11 -15.68
C GLY A 127 3.81 -15.14 -17.03
N GLY A 128 4.45 -14.55 -18.03
CA GLY A 128 3.86 -14.53 -19.36
C GLY A 128 4.71 -15.22 -20.41
N VAL A 129 5.60 -16.11 -19.94
CA VAL A 129 6.48 -16.83 -20.86
C VAL A 129 6.18 -18.32 -20.76
N VAL A 130 6.26 -18.88 -19.55
CA VAL A 130 5.98 -20.29 -19.38
C VAL A 130 4.88 -20.59 -18.36
N SER A 131 4.47 -19.61 -17.57
CA SER A 131 3.45 -19.83 -16.54
C SER A 131 1.98 -19.59 -16.92
N VAL A 132 1.46 -18.40 -16.64
CA VAL A 132 0.07 -18.10 -16.93
C VAL A 132 -0.25 -18.11 -18.42
N PHE A 133 0.60 -17.46 -19.20
CA PHE A 133 0.42 -17.39 -20.65
C PHE A 133 1.76 -17.62 -21.33
N ASN A 134 1.72 -18.12 -22.56
CA ASN A 134 2.93 -18.35 -23.32
C ASN A 134 2.93 -17.28 -24.40
N ILE A 135 2.97 -16.03 -23.95
CA ILE A 135 2.93 -14.85 -24.81
C ILE A 135 3.97 -14.85 -25.94
N LEU A 136 5.19 -15.28 -25.63
CA LEU A 136 6.28 -15.29 -26.60
C LEU A 136 6.16 -16.34 -27.71
N ASP A 137 5.31 -17.34 -27.49
CA ASP A 137 5.16 -18.40 -28.47
C ASP A 137 3.83 -18.35 -29.24
N GLU A 138 3.07 -17.28 -29.03
CA GLU A 138 1.79 -17.12 -29.71
C GLU A 138 2.03 -16.97 -31.22
N PRO A 139 1.46 -17.90 -32.02
CA PRO A 139 1.59 -17.95 -33.48
C PRO A 139 1.39 -16.63 -34.22
N THR A 140 0.29 -15.94 -33.92
CA THR A 140 -0.04 -14.67 -34.58
C THR A 140 1.09 -13.64 -34.55
N LEU A 141 2.07 -13.83 -33.66
CA LEU A 141 3.18 -12.89 -33.54
C LEU A 141 4.08 -12.77 -34.77
N ASN A 142 4.31 -11.53 -35.19
CA ASN A 142 5.16 -11.23 -36.35
C ASN A 142 6.64 -11.45 -36.04
N HIS A 143 7.09 -11.01 -34.86
CA HIS A 143 8.47 -11.20 -34.44
C HIS A 143 8.45 -12.22 -33.32
N ARG A 144 9.39 -13.17 -33.35
CA ARG A 144 9.40 -14.16 -32.30
C ARG A 144 10.58 -14.04 -31.34
N VAL A 145 10.25 -13.70 -30.10
CA VAL A 145 11.25 -13.57 -29.06
C VAL A 145 11.60 -14.97 -28.54
N LYS A 146 12.87 -15.34 -28.59
CA LYS A 146 13.29 -16.64 -28.09
C LYS A 146 13.43 -16.49 -26.58
N TRP A 147 13.45 -17.59 -25.86
CA TRP A 147 13.62 -17.50 -24.41
C TRP A 147 14.34 -18.70 -23.82
N GLU A 148 14.89 -18.49 -22.64
CA GLU A 148 15.57 -19.53 -21.91
C GLU A 148 15.39 -19.37 -20.41
N TYR A 149 15.00 -20.46 -19.75
CA TYR A 149 14.85 -20.45 -18.30
C TYR A 149 16.14 -21.07 -17.81
N TYR A 150 16.91 -20.28 -17.06
CA TYR A 150 18.20 -20.67 -16.52
C TYR A 150 18.09 -20.41 -15.00
N PRO A 151 17.54 -21.38 -14.27
CA PRO A 151 17.38 -21.24 -12.82
C PRO A 151 18.63 -20.96 -11.98
N LEU A 152 18.49 -20.05 -11.03
CA LEU A 152 19.56 -19.70 -10.09
C LEU A 152 18.90 -19.61 -8.72
N GLU A 153 19.40 -20.41 -7.79
CA GLU A 153 18.86 -20.46 -6.43
C GLU A 153 18.71 -19.09 -5.76
N GLU A 154 19.72 -18.24 -5.92
CA GLU A 154 19.69 -16.92 -5.33
C GLU A 154 18.53 -16.04 -5.80
N ALA A 155 18.09 -16.23 -7.03
CA ALA A 155 16.98 -15.43 -7.55
C ALA A 155 15.69 -15.74 -6.81
N SER A 156 15.45 -17.01 -6.55
CA SER A 156 14.24 -17.44 -5.85
C SER A 156 14.31 -17.07 -4.37
N GLU A 157 15.50 -17.16 -3.79
CA GLU A 157 15.67 -16.82 -2.39
C GLU A 157 15.43 -15.35 -2.12
N LEU A 158 15.75 -14.49 -3.09
CA LEU A 158 15.55 -13.05 -2.95
C LEU A 158 14.05 -12.79 -2.85
N LEU A 159 13.30 -13.50 -3.67
CA LEU A 159 11.86 -13.33 -3.68
C LEU A 159 11.23 -13.85 -2.40
N SER A 160 11.71 -15.00 -1.94
CA SER A 160 11.18 -15.61 -0.72
C SER A 160 11.45 -14.73 0.50
N GLU A 161 12.62 -14.09 0.51
CA GLU A 161 12.99 -13.18 1.60
C GLU A 161 12.12 -11.94 1.55
N PHE A 162 11.77 -11.50 0.35
CA PHE A 162 10.94 -10.32 0.21
C PHE A 162 9.56 -10.54 0.77
N PHE A 163 8.99 -11.72 0.51
CA PHE A 163 7.66 -12.05 1.02
C PHE A 163 7.64 -12.23 2.52
N LYS A 164 8.78 -12.60 3.10
CA LYS A 164 8.87 -12.76 4.55
C LYS A 164 8.85 -11.36 5.16
N LYS A 165 9.48 -10.42 4.45
CA LYS A 165 9.53 -9.04 4.91
C LYS A 165 8.14 -8.42 4.83
N LEU A 166 7.41 -8.74 3.76
CA LEU A 166 6.07 -8.24 3.55
C LEU A 166 5.16 -8.65 4.70
N ARG A 167 5.15 -9.94 5.00
CA ARG A 167 4.35 -10.49 6.09
C ARG A 167 4.64 -9.79 7.41
N ASN A 168 5.92 -9.60 7.70
CA ASN A 168 6.34 -8.97 8.94
C ASN A 168 5.94 -7.51 9.04
N ASN A 169 5.81 -6.83 7.89
CA ASN A 169 5.44 -5.43 7.86
C ASN A 169 3.93 -5.20 7.85
N ILE A 170 3.16 -6.29 7.88
CA ILE A 170 1.71 -6.20 7.89
C ILE A 170 1.21 -6.87 9.18
N ILE A 171 0.52 -6.10 10.02
CA ILE A 171 0.03 -6.60 11.31
C ILE A 171 -0.65 -7.96 11.27
N GLY B 13 -25.94 17.39 -0.25
CA GLY B 13 -26.93 18.17 -1.05
C GLY B 13 -26.80 19.67 -0.86
N LEU B 14 -25.62 20.11 -0.40
CA LEU B 14 -25.39 21.52 -0.19
C LEU B 14 -24.76 22.17 -1.41
N VAL B 15 -24.19 21.36 -2.30
CA VAL B 15 -23.54 21.88 -3.50
C VAL B 15 -24.08 21.29 -4.81
N PRO B 16 -23.85 21.99 -5.94
CA PRO B 16 -24.31 21.53 -7.25
C PRO B 16 -23.69 20.19 -7.61
N ARG B 17 -24.41 19.42 -8.41
CA ARG B 17 -23.95 18.12 -8.85
C ARG B 17 -24.66 17.81 -10.16
N GLY B 18 -24.04 16.97 -10.98
CA GLY B 18 -24.65 16.62 -12.25
C GLY B 18 -24.22 15.22 -12.65
N SER B 19 -24.91 14.67 -13.64
CA SER B 19 -24.58 13.34 -14.12
C SER B 19 -23.24 13.40 -14.85
N HIS B 20 -22.51 12.29 -14.84
CA HIS B 20 -21.23 12.24 -15.53
C HIS B 20 -21.50 12.20 -17.03
N MET B 21 -20.55 12.72 -17.82
CA MET B 21 -20.70 12.73 -19.28
C MET B 21 -20.86 11.30 -19.73
N GLY B 22 -21.37 11.10 -20.93
CA GLY B 22 -21.59 9.76 -21.44
C GLY B 22 -20.36 9.11 -22.02
N LYS B 23 -20.47 7.80 -22.26
CA LYS B 23 -19.37 7.05 -22.83
C LYS B 23 -18.99 7.58 -24.21
N GLU B 24 -19.99 7.95 -25.01
CA GLU B 24 -19.71 8.46 -26.34
C GLU B 24 -18.92 9.75 -26.23
N TYR B 25 -19.31 10.62 -25.30
CA TYR B 25 -18.60 11.87 -25.11
C TYR B 25 -17.12 11.63 -24.79
N PHE B 26 -16.83 10.75 -23.83
CA PHE B 26 -15.44 10.48 -23.46
C PHE B 26 -14.65 9.78 -24.57
N LEU B 27 -15.31 8.94 -25.35
CA LEU B 27 -14.62 8.27 -26.45
C LEU B 27 -14.29 9.30 -27.52
N LYS B 28 -15.14 10.32 -27.64
CA LYS B 28 -14.89 11.37 -28.62
C LYS B 28 -13.72 12.23 -28.17
N VAL B 29 -13.55 12.38 -26.86
CA VAL B 29 -12.42 13.15 -26.37
C VAL B 29 -11.17 12.35 -26.71
N ALA B 30 -11.27 11.03 -26.55
CA ALA B 30 -10.15 10.16 -26.86
C ALA B 30 -9.84 10.18 -28.34
N LEU B 31 -10.90 10.28 -29.17
CA LEU B 31 -10.68 10.31 -30.61
C LEU B 31 -9.90 11.57 -30.97
N ARG B 32 -10.09 12.65 -30.22
CA ARG B 32 -9.36 13.88 -30.51
C ARG B 32 -7.86 13.63 -30.30
N GLU B 33 -7.52 12.93 -29.22
CA GLU B 33 -6.13 12.58 -28.95
C GLU B 33 -5.60 11.70 -30.08
N ALA B 34 -6.45 10.81 -30.57
CA ALA B 34 -6.03 9.91 -31.64
C ALA B 34 -5.72 10.66 -32.94
N LYS B 35 -6.51 11.71 -33.21
CA LYS B 35 -6.28 12.51 -34.40
C LYS B 35 -4.96 13.27 -34.27
N ARG B 36 -4.63 13.67 -33.04
CA ARG B 36 -3.37 14.37 -32.80
C ARG B 36 -2.24 13.40 -33.14
N ALA B 37 -2.40 12.14 -32.71
CA ALA B 37 -1.40 11.13 -32.99
C ALA B 37 -1.27 10.97 -34.50
N PHE B 38 -2.41 10.89 -35.18
CA PHE B 38 -2.42 10.73 -36.63
C PHE B 38 -1.58 11.83 -37.28
N GLU B 39 -1.86 13.07 -36.90
CA GLU B 39 -1.15 14.24 -37.44
C GLU B 39 0.34 14.25 -37.09
N LYS B 40 0.71 13.58 -36.01
CA LYS B 40 2.10 13.51 -35.57
C LYS B 40 2.81 12.31 -36.18
N GLY B 41 2.14 11.61 -37.08
CA GLY B 41 2.76 10.46 -37.74
C GLY B 41 2.83 9.18 -36.92
N GLU B 42 1.92 9.01 -35.97
CA GLU B 42 1.93 7.79 -35.17
C GLU B 42 0.65 7.00 -35.34
N VAL B 43 0.63 5.78 -34.80
CA VAL B 43 -0.56 4.95 -34.86
C VAL B 43 -1.62 5.82 -34.18
N PRO B 44 -2.74 6.09 -34.86
CA PRO B 44 -3.78 6.93 -34.26
C PRO B 44 -4.63 6.35 -33.15
N VAL B 45 -4.07 6.29 -31.95
CA VAL B 45 -4.80 5.81 -30.79
C VAL B 45 -4.71 6.83 -29.68
N GLY B 46 -5.86 7.11 -29.08
CA GLY B 46 -5.92 8.07 -27.99
C GLY B 46 -6.57 7.42 -26.79
N ALA B 47 -6.24 7.91 -25.60
CA ALA B 47 -6.81 7.35 -24.38
C ALA B 47 -6.93 8.42 -23.29
N ILE B 48 -7.95 8.29 -22.45
CA ILE B 48 -8.12 9.20 -21.33
C ILE B 48 -8.52 8.39 -20.12
N ILE B 49 -8.27 8.93 -18.93
CA ILE B 49 -8.66 8.29 -17.70
C ILE B 49 -9.61 9.24 -16.98
N VAL B 50 -10.71 8.68 -16.51
CA VAL B 50 -11.75 9.46 -15.87
C VAL B 50 -12.01 8.92 -14.49
N LYS B 51 -12.15 9.83 -13.53
CA LYS B 51 -12.44 9.43 -12.17
C LYS B 51 -13.58 10.32 -11.70
N GLU B 52 -14.69 9.69 -11.32
CA GLU B 52 -15.86 10.43 -10.88
C GLU B 52 -16.28 11.49 -11.89
N GLY B 53 -16.27 11.11 -13.16
CA GLY B 53 -16.68 12.03 -14.21
C GLY B 53 -15.67 13.07 -14.64
N GLU B 54 -14.53 13.15 -13.96
CA GLU B 54 -13.53 14.14 -14.31
C GLU B 54 -12.34 13.52 -15.03
N ILE B 55 -11.92 14.17 -16.11
CA ILE B 55 -10.78 13.67 -16.88
C ILE B 55 -9.49 13.93 -16.12
N ILE B 56 -8.82 12.86 -15.72
CA ILE B 56 -7.59 12.95 -14.97
C ILE B 56 -6.39 13.10 -15.89
N SER B 57 -6.35 12.29 -16.94
CA SER B 57 -5.25 12.35 -17.88
C SER B 57 -5.70 12.03 -19.31
N LYS B 58 -4.91 12.48 -20.27
CA LYS B 58 -5.17 12.24 -21.69
C LYS B 58 -3.83 11.97 -22.35
N ALA B 59 -3.83 11.06 -23.32
CA ALA B 59 -2.59 10.73 -24.00
C ALA B 59 -2.87 10.07 -25.34
N HIS B 60 -1.83 9.97 -26.16
CA HIS B 60 -1.95 9.30 -27.44
C HIS B 60 -0.69 8.49 -27.69
N ASN B 61 -0.76 7.54 -28.61
CA ASN B 61 0.41 6.72 -28.92
C ASN B 61 1.53 7.67 -29.32
N SER B 62 2.68 7.55 -28.65
CA SER B 62 3.82 8.42 -28.91
C SER B 62 5.10 7.58 -29.11
N VAL B 63 4.96 6.37 -29.66
CA VAL B 63 6.12 5.50 -29.85
C VAL B 63 7.19 6.13 -30.74
N GLU B 64 6.78 6.71 -31.87
CA GLU B 64 7.74 7.34 -32.79
C GLU B 64 8.39 8.59 -32.19
N GLU B 65 7.59 9.48 -31.60
CA GLU B 65 8.11 10.70 -31.00
C GLU B 65 9.13 10.41 -29.89
N LEU B 66 8.79 9.47 -29.04
CA LEU B 66 9.65 9.11 -27.92
C LEU B 66 10.65 8.00 -28.21
N LYS B 67 10.56 7.37 -29.38
CA LYS B 67 11.43 6.24 -29.73
C LYS B 67 11.37 5.24 -28.57
N ASP B 68 10.14 4.94 -28.17
CA ASP B 68 9.89 4.03 -27.06
C ASP B 68 8.76 3.09 -27.43
N PRO B 69 9.08 1.82 -27.72
CA PRO B 69 8.05 0.86 -28.10
C PRO B 69 6.94 0.64 -27.06
N THR B 70 7.16 1.10 -25.83
CA THR B 70 6.16 0.93 -24.77
C THR B 70 5.27 2.17 -24.60
N ALA B 71 5.51 3.20 -25.39
CA ALA B 71 4.74 4.44 -25.26
C ALA B 71 3.36 4.45 -25.89
N HIS B 72 2.55 3.44 -25.59
CA HIS B 72 1.20 3.39 -26.12
C HIS B 72 0.34 4.37 -25.35
N ALA B 73 -0.78 4.79 -25.94
CA ALA B 73 -1.67 5.75 -25.30
C ALA B 73 -2.07 5.34 -23.89
N GLU B 74 -2.52 4.10 -23.71
CA GLU B 74 -2.92 3.64 -22.38
C GLU B 74 -1.81 3.76 -21.34
N MET B 75 -0.60 3.33 -21.71
CA MET B 75 0.55 3.38 -20.80
C MET B 75 0.84 4.81 -20.36
N LEU B 76 0.86 5.73 -21.31
CA LEU B 76 1.13 7.13 -20.98
C LEU B 76 0.03 7.72 -20.09
N ALA B 77 -1.22 7.42 -20.40
CA ALA B 77 -2.34 7.93 -19.62
C ALA B 77 -2.31 7.39 -18.19
N ILE B 78 -2.03 6.10 -18.04
CA ILE B 78 -1.96 5.50 -16.70
C ILE B 78 -0.84 6.15 -15.87
N LYS B 79 0.35 6.28 -16.45
CA LYS B 79 1.47 6.89 -15.72
C LYS B 79 1.12 8.29 -15.28
N GLU B 80 0.48 9.05 -16.15
CA GLU B 80 0.12 10.43 -15.83
C GLU B 80 -0.97 10.49 -14.75
N ALA B 81 -1.94 9.59 -14.80
CA ALA B 81 -3.00 9.59 -13.79
C ALA B 81 -2.44 9.22 -12.42
N CYS B 82 -1.56 8.22 -12.40
CA CYS B 82 -0.96 7.80 -11.13
C CYS B 82 -0.21 8.95 -10.49
N ARG B 83 0.43 9.75 -11.33
CA ARG B 83 1.21 10.89 -10.88
C ARG B 83 0.33 12.03 -10.40
N ARG B 84 -0.76 12.29 -11.11
CA ARG B 84 -1.68 13.35 -10.72
C ARG B 84 -2.46 13.01 -9.45
N LEU B 85 -2.70 11.72 -9.23
CA LEU B 85 -3.44 11.30 -8.04
C LEU B 85 -2.49 10.86 -6.93
N ASN B 86 -1.20 10.83 -7.25
CA ASN B 86 -0.17 10.44 -6.30
C ASN B 86 -0.40 9.05 -5.72
N THR B 87 -0.65 8.09 -6.61
CA THR B 87 -0.90 6.71 -6.18
C THR B 87 -0.57 5.75 -7.31
N LYS B 88 -0.20 4.52 -6.96
CA LYS B 88 0.12 3.55 -8.00
C LYS B 88 -1.13 2.79 -8.43
N TYR B 89 -2.21 2.92 -7.66
CA TYR B 89 -3.46 2.23 -7.99
C TYR B 89 -4.54 3.24 -8.38
N LEU B 90 -5.18 2.98 -9.51
CA LEU B 90 -6.21 3.87 -10.03
C LEU B 90 -7.61 3.31 -9.75
N GLU B 91 -7.84 2.96 -8.49
CA GLU B 91 -9.13 2.43 -8.08
C GLU B 91 -10.19 3.47 -8.38
N GLY B 92 -11.33 3.02 -8.89
CA GLY B 92 -12.40 3.95 -9.19
C GLY B 92 -12.27 4.65 -10.53
N CYS B 93 -11.15 4.45 -11.22
CA CYS B 93 -10.94 5.09 -12.52
C CYS B 93 -11.34 4.22 -13.69
N GLU B 94 -11.78 4.87 -14.76
CA GLU B 94 -12.14 4.18 -15.99
C GLU B 94 -11.23 4.71 -17.06
N LEU B 95 -10.91 3.85 -18.02
CA LEU B 95 -10.06 4.27 -19.10
C LEU B 95 -10.82 4.10 -20.42
N TYR B 96 -10.84 5.17 -21.21
CA TYR B 96 -11.49 5.19 -22.50
C TYR B 96 -10.38 5.23 -23.54
N VAL B 97 -10.40 4.28 -24.46
CA VAL B 97 -9.37 4.23 -25.48
C VAL B 97 -10.01 3.97 -26.85
N THR B 98 -9.45 4.55 -27.91
CA THR B 98 -10.04 4.41 -29.25
C THR B 98 -9.84 3.06 -29.93
N LEU B 99 -8.99 2.23 -29.35
CA LEU B 99 -8.71 0.89 -29.90
C LEU B 99 -8.55 -0.08 -28.75
N GLU B 100 -9.03 -1.31 -28.93
CA GLU B 100 -8.90 -2.35 -27.93
C GLU B 100 -7.44 -2.42 -27.47
N PRO B 101 -7.19 -2.35 -26.16
CA PRO B 101 -5.82 -2.42 -25.64
C PRO B 101 -5.06 -3.66 -26.08
N CYS B 102 -3.77 -3.52 -26.36
CA CYS B 102 -2.96 -4.66 -26.75
C CYS B 102 -2.69 -5.50 -25.50
N ILE B 103 -1.96 -6.59 -25.64
CA ILE B 103 -1.66 -7.45 -24.50
C ILE B 103 -0.91 -6.71 -23.40
N MET B 104 0.10 -5.94 -23.77
CA MET B 104 0.87 -5.19 -22.78
C MET B 104 0.00 -4.22 -21.99
N CYS B 105 -0.78 -3.41 -22.70
CA CYS B 105 -1.66 -2.43 -22.05
C CYS B 105 -2.78 -3.10 -21.27
N SER B 106 -3.29 -4.22 -21.78
CA SER B 106 -4.36 -4.92 -21.08
C SER B 106 -3.89 -5.31 -19.67
N TYR B 107 -2.68 -5.86 -19.57
CA TYR B 107 -2.18 -6.25 -18.25
C TYR B 107 -1.83 -5.04 -17.40
N ALA B 108 -1.46 -3.95 -18.06
CA ALA B 108 -1.14 -2.73 -17.33
C ALA B 108 -2.40 -2.25 -16.60
N LEU B 109 -3.57 -2.51 -17.19
CA LEU B 109 -4.84 -2.12 -16.59
C LEU B 109 -5.02 -2.95 -15.33
N VAL B 110 -4.65 -4.22 -15.41
CA VAL B 110 -4.78 -5.12 -14.28
C VAL B 110 -3.86 -4.66 -13.15
N LEU B 111 -2.60 -4.40 -13.49
CA LEU B 111 -1.62 -3.96 -12.50
C LEU B 111 -1.95 -2.62 -11.87
N SER B 112 -2.59 -1.74 -12.62
CA SER B 112 -2.96 -0.44 -12.09
C SER B 112 -4.31 -0.47 -11.35
N ARG B 113 -4.99 -1.61 -11.37
CA ARG B 113 -6.27 -1.72 -10.69
C ARG B 113 -7.36 -0.82 -11.27
N ILE B 114 -7.28 -0.54 -12.58
CA ILE B 114 -8.30 0.27 -13.23
C ILE B 114 -9.65 -0.45 -13.09
N GLU B 115 -10.72 0.30 -12.87
CA GLU B 115 -12.04 -0.33 -12.68
C GLU B 115 -12.67 -0.87 -13.94
N LYS B 116 -12.51 -0.14 -15.05
CA LYS B 116 -13.10 -0.55 -16.30
C LYS B 116 -12.44 0.13 -17.49
N VAL B 117 -12.38 -0.59 -18.60
CA VAL B 117 -11.83 -0.04 -19.84
C VAL B 117 -12.95 -0.07 -20.87
N ILE B 118 -13.14 1.03 -21.57
CA ILE B 118 -14.17 1.14 -22.60
C ILE B 118 -13.43 1.47 -23.89
N PHE B 119 -13.63 0.67 -24.94
CA PHE B 119 -12.94 0.92 -26.22
C PHE B 119 -13.92 0.94 -27.41
N SER B 120 -13.58 1.72 -28.43
CA SER B 120 -14.47 1.90 -29.58
C SER B 120 -14.16 1.17 -30.88
N ALA B 121 -13.11 0.36 -30.91
CA ALA B 121 -12.75 -0.40 -32.11
C ALA B 121 -11.98 -1.63 -31.65
N LEU B 122 -11.94 -2.66 -32.48
CA LEU B 122 -11.23 -3.88 -32.11
C LEU B 122 -9.90 -3.97 -32.82
N ASP B 123 -8.96 -4.69 -32.21
CA ASP B 123 -7.65 -4.91 -32.79
C ASP B 123 -7.52 -6.41 -32.97
N LYS B 124 -7.90 -6.90 -34.15
CA LYS B 124 -7.85 -8.34 -34.42
C LYS B 124 -6.44 -8.92 -34.25
N LYS B 125 -5.42 -8.12 -34.51
CA LYS B 125 -4.04 -8.58 -34.42
C LYS B 125 -3.32 -8.55 -33.06
N HIS B 126 -3.49 -7.48 -32.29
CA HIS B 126 -2.82 -7.38 -31.00
C HIS B 126 -3.78 -7.29 -29.82
N GLY B 127 -5.08 -7.20 -30.12
CA GLY B 127 -6.09 -7.08 -29.08
C GLY B 127 -5.97 -8.02 -27.89
N GLY B 128 -5.89 -7.43 -26.69
CA GLY B 128 -5.76 -8.24 -25.49
C GLY B 128 -6.98 -8.36 -24.60
N VAL B 129 -8.16 -7.97 -25.09
CA VAL B 129 -9.38 -8.08 -24.28
C VAL B 129 -10.30 -9.16 -24.84
N VAL B 130 -10.59 -9.09 -26.14
CA VAL B 130 -11.45 -10.09 -26.77
C VAL B 130 -10.86 -10.70 -28.05
N SER B 131 -9.79 -10.10 -28.58
CA SER B 131 -9.21 -10.60 -29.81
C SER B 131 -8.17 -11.72 -29.72
N VAL B 132 -6.93 -11.38 -29.37
CA VAL B 132 -5.88 -12.40 -29.29
C VAL B 132 -5.96 -13.21 -28.00
N PHE B 133 -5.90 -12.52 -26.87
CA PHE B 133 -5.98 -13.13 -25.56
C PHE B 133 -7.07 -12.39 -24.79
N ASN B 134 -7.61 -13.05 -23.79
CA ASN B 134 -8.62 -12.42 -22.94
C ASN B 134 -7.86 -12.21 -21.65
N ILE B 135 -6.95 -11.24 -21.66
CA ILE B 135 -6.12 -10.94 -20.50
C ILE B 135 -6.91 -10.52 -19.27
N LEU B 136 -8.01 -9.79 -19.49
CA LEU B 136 -8.85 -9.30 -18.41
C LEU B 136 -9.74 -10.36 -17.76
N ASP B 137 -10.08 -11.39 -18.52
CA ASP B 137 -10.96 -12.43 -18.01
C ASP B 137 -10.22 -13.61 -17.42
N GLU B 138 -8.92 -13.43 -17.21
CA GLU B 138 -8.06 -14.46 -16.64
C GLU B 138 -8.34 -14.54 -15.13
N PRO B 139 -8.99 -15.61 -14.68
CA PRO B 139 -9.33 -15.79 -13.26
C PRO B 139 -8.13 -15.86 -12.30
N THR B 140 -6.92 -15.73 -12.82
CA THR B 140 -5.72 -15.78 -11.99
C THR B 140 -5.49 -14.44 -11.28
N LEU B 141 -6.05 -13.39 -11.87
CA LEU B 141 -5.90 -12.03 -11.34
C LEU B 141 -6.79 -11.74 -10.13
N ASN B 142 -6.21 -11.08 -9.12
CA ASN B 142 -6.94 -10.73 -7.91
C ASN B 142 -7.95 -9.63 -8.23
N HIS B 143 -7.52 -8.66 -9.03
CA HIS B 143 -8.37 -7.55 -9.44
C HIS B 143 -8.96 -7.86 -10.80
N ARG B 144 -10.27 -7.75 -10.92
CA ARG B 144 -10.93 -8.03 -12.18
C ARG B 144 -11.26 -6.69 -12.86
N VAL B 145 -10.70 -6.47 -14.04
CA VAL B 145 -10.94 -5.24 -14.78
C VAL B 145 -12.18 -5.42 -15.66
N LYS B 146 -13.19 -4.57 -15.47
CA LYS B 146 -14.40 -4.65 -16.28
C LYS B 146 -14.08 -4.09 -17.66
N TRP B 147 -14.82 -4.50 -18.68
CA TRP B 147 -14.56 -3.96 -19.99
C TRP B 147 -15.80 -3.82 -20.83
N GLU B 148 -15.75 -2.92 -21.79
CA GLU B 148 -16.89 -2.68 -22.66
C GLU B 148 -16.46 -2.25 -24.05
N TYR B 149 -17.00 -2.94 -25.05
CA TYR B 149 -16.74 -2.57 -26.42
C TYR B 149 -17.93 -1.68 -26.79
N TYR B 150 -17.64 -0.40 -26.99
CA TYR B 150 -18.67 0.58 -27.33
C TYR B 150 -18.26 1.04 -28.72
N PRO B 151 -18.64 0.28 -29.75
CA PRO B 151 -18.30 0.58 -31.14
C PRO B 151 -18.68 1.95 -31.72
N LEU B 152 -17.68 2.56 -32.35
CA LEU B 152 -17.82 3.85 -33.04
C LEU B 152 -17.00 3.66 -34.31
N GLU B 153 -17.70 3.44 -35.43
CA GLU B 153 -17.01 3.20 -36.68
C GLU B 153 -15.92 4.23 -37.01
N GLU B 154 -16.11 5.48 -36.57
CA GLU B 154 -15.12 6.52 -36.85
C GLU B 154 -13.74 6.14 -36.32
N ALA B 155 -13.72 5.43 -35.19
CA ALA B 155 -12.47 4.99 -34.59
C ALA B 155 -11.77 3.94 -35.47
N SER B 156 -12.55 3.04 -36.04
CA SER B 156 -12.00 2.00 -36.91
C SER B 156 -11.48 2.59 -38.22
N GLU B 157 -12.17 3.61 -38.72
CA GLU B 157 -11.78 4.27 -39.96
C GLU B 157 -10.49 5.06 -39.81
N LEU B 158 -10.29 5.65 -38.64
CA LEU B 158 -9.08 6.42 -38.40
C LEU B 158 -7.88 5.48 -38.51
N LEU B 159 -8.02 4.28 -37.95
CA LEU B 159 -6.93 3.31 -37.99
C LEU B 159 -6.72 2.80 -39.41
N SER B 160 -7.81 2.53 -40.12
CA SER B 160 -7.71 2.05 -41.50
C SER B 160 -7.04 3.09 -42.38
N GLU B 161 -7.43 4.35 -42.22
CA GLU B 161 -6.86 5.44 -43.01
C GLU B 161 -5.35 5.52 -42.77
N PHE B 162 -4.95 5.36 -41.51
CA PHE B 162 -3.52 5.41 -41.17
C PHE B 162 -2.76 4.33 -41.93
N PHE B 163 -3.22 3.09 -41.81
CA PHE B 163 -2.58 1.96 -42.48
C PHE B 163 -2.59 2.13 -44.00
N LYS B 164 -3.58 2.84 -44.53
CA LYS B 164 -3.68 3.07 -45.96
C LYS B 164 -2.61 4.07 -46.38
N LYS B 165 -2.49 5.16 -45.63
CA LYS B 165 -1.49 6.17 -45.92
C LYS B 165 -0.10 5.56 -45.72
N LEU B 166 -0.08 4.37 -45.14
CA LEU B 166 1.15 3.64 -44.89
C LEU B 166 1.71 3.09 -46.20
N ARG B 167 0.95 2.18 -46.80
CA ARG B 167 1.36 1.57 -48.06
C ARG B 167 1.53 2.61 -49.15
N ASN B 168 0.61 3.57 -49.20
CA ASN B 168 0.66 4.63 -50.21
C ASN B 168 1.79 5.61 -49.96
N ASN B 169 3.00 5.06 -49.78
CA ASN B 169 4.19 5.86 -49.54
C ASN B 169 5.41 4.96 -49.38
N SER C 12 12.47 25.98 -10.03
CA SER C 12 12.70 25.72 -8.57
C SER C 12 12.33 26.92 -7.72
N GLY C 13 13.34 27.74 -7.40
CA GLY C 13 13.13 28.91 -6.59
C GLY C 13 12.25 29.97 -7.21
N LEU C 14 11.10 29.56 -7.71
CA LEU C 14 10.17 30.49 -8.33
C LEU C 14 9.22 31.05 -7.28
N VAL C 15 9.12 30.39 -6.13
CA VAL C 15 8.21 30.82 -5.09
C VAL C 15 8.85 31.00 -3.70
N PRO C 16 8.18 31.75 -2.82
CA PRO C 16 8.65 32.03 -1.46
C PRO C 16 8.77 30.74 -0.65
N ARG C 17 9.71 30.73 0.28
CA ARG C 17 9.94 29.57 1.12
C ARG C 17 10.62 30.06 2.39
N GLY C 18 10.48 29.30 3.47
CA GLY C 18 11.09 29.68 4.72
C GLY C 18 11.39 28.46 5.56
N SER C 19 12.25 28.63 6.56
CA SER C 19 12.61 27.53 7.45
C SER C 19 11.37 27.12 8.25
N HIS C 20 11.32 25.86 8.64
CA HIS C 20 10.20 25.35 9.43
C HIS C 20 10.31 25.89 10.85
N MET C 21 9.18 26.04 11.52
CA MET C 21 9.18 26.52 12.90
C MET C 21 10.01 25.53 13.71
N GLY C 22 10.48 25.96 14.87
CA GLY C 22 11.31 25.10 15.68
C GLY C 22 10.57 24.13 16.58
N LYS C 23 11.31 23.20 17.16
CA LYS C 23 10.72 22.19 18.06
C LYS C 23 10.01 22.85 19.25
N GLU C 24 10.61 23.89 19.83
CA GLU C 24 9.97 24.54 20.96
C GLU C 24 8.64 25.15 20.54
N TYR C 25 8.61 25.76 19.35
CA TYR C 25 7.38 26.36 18.86
C TYR C 25 6.27 25.29 18.70
N PHE C 26 6.58 24.17 18.08
CA PHE C 26 5.56 23.14 17.90
C PHE C 26 5.14 22.50 19.22
N LEU C 27 6.08 22.39 20.16
CA LEU C 27 5.75 21.82 21.46
C LEU C 27 4.83 22.76 22.20
N LYS C 28 4.97 24.06 21.95
CA LYS C 28 4.11 25.03 22.61
C LYS C 28 2.69 25.00 22.03
N VAL C 29 2.57 24.69 20.74
CA VAL C 29 1.24 24.60 20.16
C VAL C 29 0.59 23.38 20.83
N ALA C 30 1.38 22.34 20.99
CA ALA C 30 0.90 21.11 21.64
C ALA C 30 0.47 21.40 23.07
N LEU C 31 1.22 22.27 23.76
CA LEU C 31 0.88 22.61 25.15
C LEU C 31 -0.47 23.31 25.23
N ARG C 32 -0.82 24.06 24.19
CA ARG C 32 -2.11 24.75 24.16
C ARG C 32 -3.23 23.72 24.14
N GLU C 33 -3.03 22.64 23.38
CA GLU C 33 -4.00 21.55 23.33
C GLU C 33 -4.07 20.89 24.71
N ALA C 34 -2.92 20.76 25.37
CA ALA C 34 -2.89 20.14 26.69
C ALA C 34 -3.65 20.99 27.69
N LYS C 35 -3.56 22.31 27.57
CA LYS C 35 -4.29 23.18 28.49
C LYS C 35 -5.79 23.05 28.28
N ARG C 36 -6.21 22.88 27.04
CA ARG C 36 -7.63 22.71 26.75
C ARG C 36 -8.08 21.43 27.45
N ALA C 37 -7.28 20.39 27.33
CA ALA C 37 -7.61 19.12 27.97
C ALA C 37 -7.73 19.33 29.49
N PHE C 38 -6.82 20.13 30.03
CA PHE C 38 -6.83 20.40 31.47
C PHE C 38 -8.17 21.02 31.86
N GLU C 39 -8.59 22.00 31.06
CA GLU C 39 -9.83 22.73 31.27
C GLU C 39 -11.07 21.85 31.11
N LYS C 40 -10.97 20.82 30.27
CA LYS C 40 -12.10 19.94 30.07
C LYS C 40 -12.12 18.76 31.04
N GLY C 41 -11.26 18.82 32.05
CA GLY C 41 -11.21 17.77 33.05
C GLY C 41 -10.49 16.50 32.63
N GLU C 42 -9.67 16.60 31.60
CA GLU C 42 -8.91 15.45 31.08
C GLU C 42 -7.46 15.48 31.54
N VAL C 43 -6.77 14.35 31.39
CA VAL C 43 -5.35 14.28 31.71
C VAL C 43 -4.81 15.32 30.70
N PRO C 44 -4.00 16.28 31.16
CA PRO C 44 -3.47 17.30 30.26
C PRO C 44 -2.33 16.98 29.30
N VAL C 45 -2.67 16.34 28.18
CA VAL C 45 -1.70 15.98 27.18
C VAL C 45 -2.21 16.44 25.82
N GLY C 46 -1.35 17.10 25.06
CA GLY C 46 -1.73 17.58 23.76
C GLY C 46 -0.74 17.05 22.75
N ALA C 47 -1.15 16.95 21.50
CA ALA C 47 -0.26 16.42 20.46
C ALA C 47 -0.62 17.03 19.11
N ILE C 48 0.38 17.21 18.24
CA ILE C 48 0.12 17.72 16.90
C ILE C 48 1.00 16.94 15.94
N ILE C 49 0.57 16.86 14.68
CA ILE C 49 1.33 16.18 13.65
C ILE C 49 1.70 17.21 12.59
N VAL C 50 2.98 17.25 12.25
CA VAL C 50 3.50 18.22 11.30
C VAL C 50 4.13 17.53 10.11
N LYS C 51 3.87 18.05 8.92
CA LYS C 51 4.46 17.48 7.72
C LYS C 51 5.05 18.65 6.92
N GLU C 52 6.36 18.60 6.71
CA GLU C 52 7.06 19.66 5.99
C GLU C 52 6.71 21.04 6.55
N GLY C 53 6.80 21.17 7.87
CA GLY C 53 6.52 22.42 8.53
C GLY C 53 5.07 22.82 8.70
N GLU C 54 4.14 22.09 8.07
CA GLU C 54 2.72 22.41 8.18
C GLU C 54 2.02 21.52 9.23
N ILE C 55 1.22 22.14 10.08
CA ILE C 55 0.49 21.39 11.10
C ILE C 55 -0.69 20.73 10.40
N ILE C 56 -0.69 19.41 10.40
CA ILE C 56 -1.70 18.60 9.76
C ILE C 56 -2.88 18.33 10.70
N SER C 57 -2.56 18.01 11.95
CA SER C 57 -3.62 17.75 12.93
C SER C 57 -3.20 18.17 14.34
N LYS C 58 -4.19 18.37 15.19
CA LYS C 58 -4.01 18.76 16.59
C LYS C 58 -5.06 18.03 17.43
N ALA C 59 -4.68 17.57 18.61
CA ALA C 59 -5.64 16.89 19.47
C ALA C 59 -5.15 16.87 20.90
N HIS C 60 -6.05 16.55 21.82
CA HIS C 60 -5.70 16.47 23.22
C HIS C 60 -6.38 15.22 23.78
N ASN C 61 -5.86 14.71 24.89
CA ASN C 61 -6.45 13.52 25.51
C ASN C 61 -7.94 13.79 25.69
N SER C 62 -8.78 12.89 25.20
CA SER C 62 -10.24 13.07 25.29
C SER C 62 -10.95 11.84 25.85
N VAL C 63 -10.24 11.08 26.68
CA VAL C 63 -10.77 9.86 27.29
C VAL C 63 -12.10 10.07 28.01
N GLU C 64 -12.18 11.08 28.86
CA GLU C 64 -13.43 11.32 29.59
C GLU C 64 -14.56 11.80 28.68
N GLU C 65 -14.27 12.75 27.81
CA GLU C 65 -15.30 13.29 26.91
C GLU C 65 -15.93 12.20 26.05
N LEU C 66 -15.07 11.36 25.49
CA LEU C 66 -15.53 10.31 24.60
C LEU C 66 -15.85 8.98 25.27
N LYS C 67 -15.58 8.86 26.57
CA LYS C 67 -15.80 7.58 27.26
C LYS C 67 -15.09 6.52 26.45
N ASP C 68 -13.83 6.79 26.13
CA ASP C 68 -13.03 5.89 25.31
C ASP C 68 -11.61 5.87 25.85
N PRO C 69 -11.23 4.78 26.53
CA PRO C 69 -9.89 4.66 27.11
C PRO C 69 -8.75 4.72 26.09
N THR C 70 -9.06 4.62 24.80
CA THR C 70 -8.01 4.68 23.79
C THR C 70 -7.88 6.06 23.15
N ALA C 71 -8.69 7.00 23.60
CA ALA C 71 -8.69 8.34 23.04
C ALA C 71 -7.60 9.26 23.57
N HIS C 72 -6.35 8.78 23.50
CA HIS C 72 -5.22 9.58 23.93
C HIS C 72 -4.93 10.58 22.82
N ALA C 73 -4.28 11.70 23.18
CA ALA C 73 -3.98 12.73 22.21
C ALA C 73 -3.31 12.21 20.95
N GLU C 74 -2.26 11.41 21.10
CA GLU C 74 -1.55 10.90 19.92
C GLU C 74 -2.45 10.08 19.00
N MET C 75 -3.27 9.21 19.59
CA MET C 75 -4.17 8.38 18.80
C MET C 75 -5.11 9.24 17.96
N LEU C 76 -5.71 10.26 18.58
CA LEU C 76 -6.62 11.13 17.88
C LEU C 76 -5.90 11.92 16.78
N ALA C 77 -4.71 12.41 17.08
CA ALA C 77 -3.93 13.18 16.11
C ALA C 77 -3.59 12.31 14.91
N ILE C 78 -3.15 11.09 15.16
CA ILE C 78 -2.82 10.16 14.08
C ILE C 78 -4.04 9.87 13.21
N LYS C 79 -5.18 9.57 13.83
CA LYS C 79 -6.39 9.28 13.06
C LYS C 79 -6.79 10.47 12.19
N GLU C 80 -6.70 11.67 12.74
CA GLU C 80 -7.05 12.86 11.98
C GLU C 80 -6.06 13.12 10.85
N ALA C 81 -4.77 12.98 11.12
CA ALA C 81 -3.78 13.21 10.06
C ALA C 81 -3.98 12.21 8.92
N CYS C 82 -4.22 10.94 9.26
CA CYS C 82 -4.42 9.92 8.24
C CYS C 82 -5.61 10.28 7.35
N ARG C 83 -6.66 10.80 7.96
CA ARG C 83 -7.87 11.21 7.26
C ARG C 83 -7.59 12.38 6.32
N ARG C 84 -6.97 13.42 6.86
CA ARG C 84 -6.67 14.60 6.07
C ARG C 84 -5.69 14.34 4.92
N LEU C 85 -4.80 13.37 5.12
CA LEU C 85 -3.81 13.00 4.11
C LEU C 85 -4.30 11.87 3.20
N ASN C 86 -5.40 11.23 3.59
CA ASN C 86 -6.00 10.15 2.82
C ASN C 86 -5.02 8.97 2.66
N THR C 87 -4.30 8.69 3.73
CA THR C 87 -3.31 7.61 3.72
C THR C 87 -3.25 6.94 5.08
N LYS C 88 -2.92 5.65 5.11
CA LYS C 88 -2.82 4.97 6.39
C LYS C 88 -1.44 5.15 7.00
N TYR C 89 -0.48 5.56 6.18
CA TYR C 89 0.88 5.78 6.66
C TYR C 89 1.24 7.25 6.64
N LEU C 90 1.82 7.74 7.73
CA LEU C 90 2.18 9.14 7.85
C LEU C 90 3.67 9.36 7.58
N GLU C 91 4.09 8.87 6.42
CA GLU C 91 5.48 9.01 6.01
C GLU C 91 5.84 10.49 5.99
N GLY C 92 7.05 10.80 6.45
CA GLY C 92 7.50 12.17 6.47
C GLY C 92 6.88 13.05 7.54
N CYS C 93 6.01 12.48 8.37
CA CYS C 93 5.36 13.24 9.43
C CYS C 93 6.06 13.11 10.79
N GLU C 94 5.96 14.17 11.57
CA GLU C 94 6.54 14.18 12.90
C GLU C 94 5.43 14.45 13.88
N LEU C 95 5.52 13.81 15.04
CA LEU C 95 4.52 14.02 16.08
C LEU C 95 5.13 14.72 17.28
N TYR C 96 4.53 15.84 17.67
CA TYR C 96 4.99 16.57 18.85
C TYR C 96 3.94 16.33 19.93
N VAL C 97 4.37 15.87 21.10
CA VAL C 97 3.42 15.59 22.18
C VAL C 97 4.02 16.07 23.50
N THR C 98 3.16 16.59 24.38
CA THR C 98 3.61 17.15 25.65
C THR C 98 4.05 16.15 26.70
N LEU C 99 3.78 14.88 26.45
CA LEU C 99 4.18 13.83 27.38
C LEU C 99 4.65 12.61 26.59
N GLU C 100 5.65 11.92 27.14
CA GLU C 100 6.18 10.71 26.52
C GLU C 100 5.01 9.77 26.24
N PRO C 101 4.87 9.31 24.98
CA PRO C 101 3.76 8.41 24.68
C PRO C 101 3.77 7.11 25.50
N CYS C 102 2.58 6.64 25.87
CA CYS C 102 2.45 5.39 26.63
C CYS C 102 2.75 4.23 25.68
N ILE C 103 2.62 3.00 26.17
CA ILE C 103 2.90 1.81 25.34
C ILE C 103 2.00 1.71 24.12
N MET C 104 0.70 1.89 24.32
CA MET C 104 -0.25 1.82 23.23
C MET C 104 0.09 2.83 22.15
N CYS C 105 0.28 4.07 22.59
CA CYS C 105 0.61 5.15 21.67
C CYS C 105 1.93 4.98 20.97
N SER C 106 2.94 4.51 21.69
CA SER C 106 4.25 4.30 21.07
C SER C 106 4.15 3.32 19.91
N TYR C 107 3.38 2.25 20.07
CA TYR C 107 3.27 1.28 18.98
C TYR C 107 2.42 1.82 17.86
N ALA C 108 1.48 2.71 18.18
CA ALA C 108 0.65 3.33 17.15
C ALA C 108 1.58 4.13 16.23
N LEU C 109 2.62 4.71 16.80
CA LEU C 109 3.60 5.46 16.03
C LEU C 109 4.26 4.54 15.00
N VAL C 110 4.64 3.36 15.45
CA VAL C 110 5.30 2.37 14.59
C VAL C 110 4.37 1.94 13.46
N LEU C 111 3.14 1.60 13.83
CA LEU C 111 2.12 1.18 12.85
C LEU C 111 1.79 2.25 11.81
N SER C 112 1.76 3.52 12.23
CA SER C 112 1.43 4.60 11.30
C SER C 112 2.66 5.08 10.52
N ARG C 113 3.82 4.56 10.88
CA ARG C 113 5.09 4.88 10.23
C ARG C 113 5.50 6.33 10.35
N ILE C 114 5.19 6.93 11.49
CA ILE C 114 5.56 8.31 11.76
C ILE C 114 7.09 8.36 11.72
N GLU C 115 7.65 9.45 11.19
CA GLU C 115 9.11 9.56 11.10
C GLU C 115 9.80 9.78 12.43
N LYS C 116 9.22 10.63 13.27
CA LYS C 116 9.83 10.94 14.54
C LYS C 116 8.82 11.49 15.53
N VAL C 117 9.05 11.23 16.81
CA VAL C 117 8.17 11.76 17.84
C VAL C 117 9.06 12.61 18.76
N ILE C 118 8.56 13.81 19.09
CA ILE C 118 9.27 14.75 19.97
C ILE C 118 8.36 14.98 21.17
N PHE C 119 8.85 14.73 22.38
CA PHE C 119 8.04 14.91 23.57
C PHE C 119 8.76 15.79 24.60
N SER C 120 8.00 16.58 25.33
CA SER C 120 8.57 17.53 26.27
C SER C 120 8.62 17.19 27.76
N ALA C 121 8.10 16.01 28.12
CA ALA C 121 8.12 15.57 29.52
C ALA C 121 8.14 14.05 29.52
N LEU C 122 8.66 13.45 30.59
CA LEU C 122 8.72 12.00 30.69
C LEU C 122 7.56 11.49 31.53
N ASP C 123 7.15 10.26 31.25
CA ASP C 123 6.09 9.62 32.01
C ASP C 123 6.79 8.47 32.73
N LYS C 124 7.28 8.76 33.92
CA LYS C 124 8.01 7.77 34.73
C LYS C 124 7.20 6.54 35.11
N LYS C 125 5.91 6.53 34.79
CA LYS C 125 5.05 5.40 35.14
C LYS C 125 4.51 4.59 33.97
N HIS C 126 4.19 5.24 32.87
CA HIS C 126 3.64 4.54 31.71
C HIS C 126 4.43 4.76 30.42
N GLY C 127 5.50 5.54 30.49
CA GLY C 127 6.29 5.83 29.29
C GLY C 127 6.73 4.63 28.46
N GLY C 128 6.44 4.67 27.17
CA GLY C 128 6.80 3.58 26.29
C GLY C 128 7.94 3.89 25.34
N VAL C 129 8.67 4.97 25.58
CA VAL C 129 9.80 5.31 24.71
C VAL C 129 11.11 5.12 25.46
N VAL C 130 11.22 5.70 26.65
CA VAL C 130 12.44 5.56 27.45
C VAL C 130 12.20 5.11 28.89
N SER C 131 10.96 5.24 29.35
CA SER C 131 10.62 4.88 30.73
C SER C 131 10.29 3.40 31.01
N VAL C 132 9.03 3.00 30.87
CA VAL C 132 8.63 1.62 31.12
C VAL C 132 9.26 0.63 30.14
N PHE C 133 8.96 0.80 28.86
CA PHE C 133 9.50 -0.05 27.81
C PHE C 133 10.20 0.85 26.79
N ASN C 134 10.94 0.23 25.88
CA ASN C 134 11.60 0.94 24.80
C ASN C 134 10.90 0.37 23.58
N ILE C 135 9.64 0.72 23.41
CA ILE C 135 8.86 0.21 22.30
C ILE C 135 9.41 0.61 20.93
N LEU C 136 9.95 1.82 20.83
CA LEU C 136 10.47 2.28 19.55
C LEU C 136 11.83 1.67 19.24
N ASP C 137 12.58 1.36 20.29
CA ASP C 137 13.90 0.76 20.17
C ASP C 137 13.77 -0.75 20.22
N GLU C 138 12.96 -1.30 19.32
CA GLU C 138 12.75 -2.73 19.24
C GLU C 138 13.09 -3.22 17.84
N PRO C 139 14.29 -3.81 17.67
CA PRO C 139 14.82 -4.35 16.41
C PRO C 139 13.87 -5.26 15.64
N THR C 140 12.84 -5.75 16.31
CA THR C 140 11.86 -6.63 15.67
C THR C 140 11.00 -5.84 14.69
N LEU C 141 10.79 -4.57 15.00
CA LEU C 141 9.96 -3.67 14.20
C LEU C 141 10.53 -3.28 12.84
N ASN C 142 9.70 -3.45 11.81
CA ASN C 142 10.06 -3.14 10.44
C ASN C 142 10.39 -1.66 10.21
N HIS C 143 9.60 -0.77 10.79
CA HIS C 143 9.82 0.67 10.65
C HIS C 143 10.48 1.24 11.90
N ARG C 144 11.47 2.08 11.72
CA ARG C 144 12.16 2.68 12.85
C ARG C 144 11.71 4.12 13.09
N VAL C 145 11.04 4.33 14.21
CA VAL C 145 10.55 5.65 14.58
C VAL C 145 11.64 6.36 15.40
N LYS C 146 12.11 7.50 14.92
CA LYS C 146 13.12 8.27 15.64
C LYS C 146 12.42 8.97 16.81
N TRP C 147 13.17 9.30 17.85
CA TRP C 147 12.54 10.01 18.96
C TRP C 147 13.49 11.00 19.59
N GLU C 148 12.90 11.99 20.24
CA GLU C 148 13.69 13.00 20.90
C GLU C 148 12.95 13.54 22.11
N TYR C 149 13.66 13.60 23.23
CA TYR C 149 13.12 14.15 24.46
C TYR C 149 13.66 15.58 24.47
N TYR C 150 12.76 16.54 24.31
CA TYR C 150 13.10 17.96 24.27
C TYR C 150 12.36 18.51 25.49
N PRO C 151 12.99 18.43 26.67
CA PRO C 151 12.36 18.91 27.89
C PRO C 151 11.98 20.39 28.02
N LEU C 152 10.74 20.59 28.48
CA LEU C 152 10.17 21.91 28.74
C LEU C 152 9.46 21.69 30.08
N GLU C 153 10.05 22.20 31.16
CA GLU C 153 9.50 22.00 32.49
C GLU C 153 8.03 22.38 32.60
N GLU C 154 7.60 23.38 31.82
CA GLU C 154 6.18 23.78 31.85
C GLU C 154 5.27 22.59 31.56
N ALA C 155 5.73 21.66 30.71
CA ALA C 155 4.93 20.49 30.39
C ALA C 155 4.81 19.55 31.60
N SER C 156 5.91 19.35 32.30
CA SER C 156 5.93 18.49 33.47
C SER C 156 5.06 19.09 34.57
N GLU C 157 5.12 20.40 34.70
CA GLU C 157 4.34 21.09 35.71
C GLU C 157 2.83 20.99 35.44
N LEU C 158 2.45 21.11 34.18
CA LEU C 158 1.03 21.04 33.84
C LEU C 158 0.45 19.71 34.35
N LEU C 159 1.17 18.63 34.11
CA LEU C 159 0.74 17.30 34.54
C LEU C 159 0.74 17.24 36.07
N SER C 160 1.79 17.76 36.67
CA SER C 160 1.90 17.77 38.13
C SER C 160 0.73 18.53 38.75
N GLU C 161 0.39 19.68 38.17
CA GLU C 161 -0.72 20.48 38.66
C GLU C 161 -2.02 19.66 38.56
N PHE C 162 -2.16 18.92 37.46
CA PHE C 162 -3.33 18.08 37.27
C PHE C 162 -3.53 17.07 38.40
N PHE C 163 -2.46 16.40 38.78
CA PHE C 163 -2.55 15.41 39.85
C PHE C 163 -2.82 16.02 41.22
N LYS C 164 -2.31 17.23 41.45
CA LYS C 164 -2.54 17.87 42.73
C LYS C 164 -3.93 18.49 42.81
N LYS C 165 -4.56 18.65 41.65
CA LYS C 165 -5.91 19.18 41.59
C LYS C 165 -6.83 18.03 41.99
N LEU C 166 -6.50 16.84 41.52
CA LEU C 166 -7.28 15.65 41.83
C LEU C 166 -7.09 15.26 43.29
N ARG C 167 -6.19 15.96 43.96
CA ARG C 167 -5.92 15.71 45.37
C ARG C 167 -7.08 16.24 46.19
N ASN C 168 -7.34 17.53 46.03
CA ASN C 168 -8.42 18.21 46.74
C ASN C 168 -9.79 17.83 46.17
N ASN C 169 -9.78 17.33 44.94
CA ASN C 169 -11.01 16.92 44.28
C ASN C 169 -11.66 15.74 45.00
N ILE C 170 -10.83 14.93 45.65
CA ILE C 170 -11.33 13.76 46.37
C ILE C 170 -11.85 14.12 47.76
N ILE C 171 -13.16 14.04 47.93
CA ILE C 171 -13.81 14.33 49.19
C ILE C 171 -14.62 13.13 49.67
N MET D 21 -22.12 -22.51 26.01
CA MET D 21 -21.31 -21.60 25.15
C MET D 21 -19.98 -21.29 25.83
N GLY D 22 -18.98 -22.12 25.54
CA GLY D 22 -17.68 -21.93 26.13
C GLY D 22 -16.78 -21.00 25.34
N LYS D 23 -15.49 -21.11 25.61
CA LYS D 23 -14.48 -20.29 24.94
C LYS D 23 -14.48 -20.59 23.46
N GLU D 24 -14.64 -21.86 23.12
CA GLU D 24 -14.63 -22.24 21.72
C GLU D 24 -15.75 -21.55 20.96
N TYR D 25 -16.93 -21.47 21.58
CA TYR D 25 -18.07 -20.84 20.94
C TYR D 25 -17.80 -19.37 20.60
N PHE D 26 -17.33 -18.62 21.58
CA PHE D 26 -17.05 -17.21 21.36
C PHE D 26 -15.90 -17.01 20.38
N LEU D 27 -14.90 -17.88 20.41
CA LEU D 27 -13.81 -17.74 19.47
C LEU D 27 -14.34 -17.96 18.05
N LYS D 28 -15.33 -18.86 17.92
CA LYS D 28 -15.95 -19.16 16.62
C LYS D 28 -16.70 -17.95 16.11
N VAL D 29 -17.35 -17.23 17.02
CA VAL D 29 -18.07 -16.03 16.66
C VAL D 29 -17.04 -15.01 16.17
N ALA D 30 -15.92 -14.91 16.88
CA ALA D 30 -14.87 -13.97 16.50
C ALA D 30 -14.29 -14.36 15.15
N LEU D 31 -14.21 -15.65 14.88
CA LEU D 31 -13.68 -16.12 13.59
C LEU D 31 -14.59 -15.74 12.42
N ARG D 32 -15.88 -15.48 12.68
CA ARG D 32 -16.78 -15.07 11.60
C ARG D 32 -16.44 -13.63 11.23
N GLU D 33 -15.99 -12.85 12.23
CA GLU D 33 -15.61 -11.46 11.98
C GLU D 33 -14.30 -11.45 11.21
N ALA D 34 -13.44 -12.42 11.51
CA ALA D 34 -12.16 -12.54 10.82
C ALA D 34 -12.46 -12.89 9.37
N LYS D 35 -13.44 -13.78 9.18
CA LYS D 35 -13.87 -14.20 7.85
C LYS D 35 -14.37 -13.00 7.06
N ARG D 36 -15.16 -12.15 7.72
CA ARG D 36 -15.69 -10.95 7.09
C ARG D 36 -14.54 -10.05 6.68
N ALA D 37 -13.52 -9.95 7.55
CA ALA D 37 -12.37 -9.12 7.26
C ALA D 37 -11.68 -9.65 6.00
N PHE D 38 -11.51 -10.97 5.95
CA PHE D 38 -10.86 -11.61 4.81
C PHE D 38 -11.61 -11.27 3.50
N GLU D 39 -12.93 -11.34 3.56
CA GLU D 39 -13.78 -11.05 2.40
C GLU D 39 -13.69 -9.58 1.97
N LYS D 40 -13.38 -8.70 2.93
CA LYS D 40 -13.29 -7.28 2.61
C LYS D 40 -11.88 -6.80 2.26
N GLY D 41 -10.95 -7.74 2.10
CA GLY D 41 -9.59 -7.37 1.73
C GLY D 41 -8.70 -6.90 2.90
N GLU D 42 -9.11 -7.23 4.11
CA GLU D 42 -8.39 -6.85 5.34
C GLU D 42 -7.56 -8.00 5.89
N VAL D 43 -6.63 -7.70 6.80
CA VAL D 43 -5.88 -8.76 7.48
C VAL D 43 -7.04 -9.44 8.21
N PRO D 44 -7.15 -10.78 8.12
CA PRO D 44 -8.26 -11.50 8.76
C PRO D 44 -8.26 -11.72 10.26
N VAL D 45 -8.55 -10.67 11.00
CA VAL D 45 -8.62 -10.78 12.46
C VAL D 45 -9.97 -10.29 12.95
N GLY D 46 -10.57 -11.06 13.84
CA GLY D 46 -11.86 -10.71 14.41
C GLY D 46 -11.79 -10.68 15.93
N ALA D 47 -12.66 -9.88 16.55
CA ALA D 47 -12.70 -9.79 18.00
C ALA D 47 -14.10 -9.48 18.49
N ILE D 48 -14.43 -9.97 19.67
CA ILE D 48 -15.73 -9.69 20.28
C ILE D 48 -15.49 -9.49 21.77
N ILE D 49 -16.32 -8.69 22.41
CA ILE D 49 -16.20 -8.46 23.85
C ILE D 49 -17.45 -9.10 24.43
N VAL D 50 -17.28 -9.89 25.48
CA VAL D 50 -18.39 -10.57 26.12
C VAL D 50 -18.45 -10.18 27.59
N LYS D 51 -19.66 -10.06 28.10
CA LYS D 51 -19.85 -9.74 29.50
C LYS D 51 -20.95 -10.63 30.03
N GLU D 52 -20.59 -11.47 30.99
CA GLU D 52 -21.53 -12.39 31.62
C GLU D 52 -22.39 -13.14 30.60
N GLY D 53 -21.71 -13.79 29.66
CA GLY D 53 -22.36 -14.59 28.64
C GLY D 53 -23.01 -13.86 27.50
N GLU D 54 -23.00 -12.53 27.57
CA GLU D 54 -23.63 -11.71 26.54
C GLU D 54 -22.59 -11.07 25.63
N ILE D 55 -22.82 -11.14 24.32
CA ILE D 55 -21.89 -10.50 23.40
C ILE D 55 -22.21 -9.01 23.38
N ILE D 56 -21.24 -8.19 23.78
CA ILE D 56 -21.41 -6.75 23.85
C ILE D 56 -21.06 -6.04 22.54
N SER D 57 -19.95 -6.45 21.93
CA SER D 57 -19.51 -5.87 20.67
C SER D 57 -18.79 -6.90 19.80
N LYS D 58 -18.74 -6.62 18.51
CA LYS D 58 -18.04 -7.49 17.57
C LYS D 58 -17.37 -6.54 16.60
N ALA D 59 -16.18 -6.88 16.13
CA ALA D 59 -15.49 -6.02 15.18
C ALA D 59 -14.43 -6.81 14.44
N HIS D 60 -13.89 -6.23 13.38
CA HIS D 60 -12.82 -6.86 12.62
C HIS D 60 -11.82 -5.81 12.20
N ASN D 61 -10.62 -6.26 11.87
CA ASN D 61 -9.56 -5.36 11.42
C ASN D 61 -10.08 -4.60 10.20
N SER D 62 -10.10 -3.28 10.29
CA SER D 62 -10.62 -2.46 9.21
C SER D 62 -9.64 -1.37 8.76
N VAL D 63 -8.35 -1.66 8.87
CA VAL D 63 -7.31 -0.71 8.49
C VAL D 63 -7.47 -0.20 7.05
N GLU D 64 -7.73 -1.11 6.12
CA GLU D 64 -7.88 -0.68 4.73
C GLU D 64 -9.15 0.14 4.49
N GLU D 65 -10.28 -0.34 4.98
CA GLU D 65 -11.55 0.36 4.79
C GLU D 65 -11.52 1.78 5.34
N LEU D 66 -11.00 1.93 6.56
CA LEU D 66 -10.97 3.23 7.21
C LEU D 66 -9.68 4.01 6.98
N LYS D 67 -8.70 3.43 6.29
CA LYS D 67 -7.40 4.08 6.07
C LYS D 67 -6.89 4.58 7.41
N ASP D 68 -6.90 3.68 8.38
CA ASP D 68 -6.50 3.97 9.75
C ASP D 68 -5.66 2.79 10.24
N PRO D 69 -4.34 3.00 10.40
CA PRO D 69 -3.47 1.92 10.85
C PRO D 69 -3.76 1.43 12.27
N THR D 70 -4.58 2.16 13.02
CA THR D 70 -4.87 1.75 14.39
C THR D 70 -6.22 1.04 14.47
N ALA D 71 -6.90 0.91 13.33
CA ALA D 71 -8.22 0.29 13.30
C ALA D 71 -8.17 -1.24 13.40
N HIS D 72 -7.46 -1.75 14.41
CA HIS D 72 -7.38 -3.19 14.61
C HIS D 72 -8.70 -3.65 15.24
N ALA D 73 -9.02 -4.93 15.08
CA ALA D 73 -10.28 -5.46 15.59
C ALA D 73 -10.52 -5.16 17.06
N GLU D 74 -9.50 -5.40 17.88
CA GLU D 74 -9.60 -5.18 19.32
C GLU D 74 -9.93 -3.73 19.65
N MET D 75 -9.24 -2.80 18.99
CA MET D 75 -9.48 -1.37 19.23
C MET D 75 -10.93 -1.02 18.92
N LEU D 76 -11.44 -1.50 17.79
CA LEU D 76 -12.82 -1.22 17.42
C LEU D 76 -13.80 -1.89 18.39
N ALA D 77 -13.52 -3.13 18.76
CA ALA D 77 -14.39 -3.86 19.71
C ALA D 77 -14.44 -3.12 21.05
N ILE D 78 -13.27 -2.67 21.53
CA ILE D 78 -13.22 -1.92 22.79
C ILE D 78 -14.04 -0.64 22.66
N LYS D 79 -13.81 0.11 21.59
CA LYS D 79 -14.53 1.35 21.38
C LYS D 79 -16.05 1.16 21.39
N GLU D 80 -16.53 0.14 20.69
CA GLU D 80 -17.96 -0.13 20.62
C GLU D 80 -18.56 -0.64 21.93
N ALA D 81 -17.81 -1.45 22.65
CA ALA D 81 -18.30 -1.98 23.94
C ALA D 81 -18.42 -0.82 24.93
N CYS D 82 -17.44 0.07 24.90
CA CYS D 82 -17.42 1.23 25.79
C CYS D 82 -18.61 2.14 25.49
N ARG D 83 -18.96 2.26 24.21
CA ARG D 83 -20.09 3.06 23.80
C ARG D 83 -21.38 2.40 24.26
N ARG D 84 -21.49 1.09 24.05
CA ARG D 84 -22.70 0.39 24.45
C ARG D 84 -22.91 0.30 25.97
N LEU D 85 -21.84 0.10 26.74
CA LEU D 85 -21.95 0.00 28.19
C LEU D 85 -21.82 1.39 28.84
N ASN D 86 -21.66 2.41 28.01
CA ASN D 86 -21.55 3.79 28.45
C ASN D 86 -20.51 3.96 29.57
N THR D 87 -19.32 3.42 29.34
CA THR D 87 -18.25 3.47 30.33
C THR D 87 -16.89 3.43 29.64
N LYS D 88 -15.86 3.98 30.29
CA LYS D 88 -14.54 3.94 29.69
C LYS D 88 -13.80 2.69 30.12
N TYR D 89 -14.33 2.01 31.14
CA TYR D 89 -13.75 0.79 31.67
C TYR D 89 -14.64 -0.42 31.43
N LEU D 90 -14.04 -1.50 30.96
CA LEU D 90 -14.79 -2.71 30.67
C LEU D 90 -14.57 -3.76 31.74
N GLU D 91 -14.79 -3.36 33.00
CA GLU D 91 -14.64 -4.26 34.13
C GLU D 91 -15.54 -5.48 33.93
N GLY D 92 -15.02 -6.67 34.26
CA GLY D 92 -15.81 -7.88 34.14
C GLY D 92 -16.12 -8.36 32.73
N CYS D 93 -15.45 -7.77 31.74
CA CYS D 93 -15.65 -8.16 30.35
C CYS D 93 -14.46 -8.96 29.88
N GLU D 94 -14.70 -9.84 28.91
CA GLU D 94 -13.65 -10.67 28.32
C GLU D 94 -13.56 -10.37 26.84
N LEU D 95 -12.35 -10.37 26.30
CA LEU D 95 -12.19 -10.13 24.89
C LEU D 95 -11.72 -11.40 24.23
N TYR D 96 -12.43 -11.81 23.18
CA TYR D 96 -12.06 -12.99 22.43
C TYR D 96 -11.55 -12.46 21.09
N VAL D 97 -10.33 -12.85 20.71
CA VAL D 97 -9.75 -12.37 19.45
C VAL D 97 -9.04 -13.54 18.74
N THR D 98 -9.14 -13.57 17.42
CA THR D 98 -8.59 -14.67 16.65
C THR D 98 -7.06 -14.76 16.59
N LEU D 99 -6.38 -13.66 16.84
CA LEU D 99 -4.92 -13.62 16.81
C LEU D 99 -4.42 -12.89 18.06
N GLU D 100 -3.30 -13.37 18.61
CA GLU D 100 -2.68 -12.73 19.77
C GLU D 100 -2.63 -11.22 19.52
N PRO D 101 -3.18 -10.41 20.44
CA PRO D 101 -3.15 -8.95 20.24
C PRO D 101 -1.74 -8.36 20.11
N CYS D 102 -1.61 -7.34 19.25
CA CYS D 102 -0.32 -6.70 19.03
C CYS D 102 0.02 -5.86 20.25
N ILE D 103 1.19 -5.23 20.23
CA ILE D 103 1.63 -4.43 21.34
C ILE D 103 0.64 -3.30 21.65
N MET D 104 0.20 -2.59 20.62
CA MET D 104 -0.77 -1.50 20.81
C MET D 104 -2.06 -2.00 21.45
N CYS D 105 -2.63 -3.07 20.90
CA CYS D 105 -3.89 -3.59 21.41
C CYS D 105 -3.74 -4.20 22.79
N SER D 106 -2.58 -4.79 23.08
CA SER D 106 -2.35 -5.38 24.39
C SER D 106 -2.43 -4.33 25.48
N TYR D 107 -1.84 -3.15 25.25
CA TYR D 107 -1.88 -2.12 26.26
C TYR D 107 -3.27 -1.48 26.34
N ALA D 108 -3.96 -1.45 25.21
CA ALA D 108 -5.33 -0.93 25.20
C ALA D 108 -6.19 -1.78 26.13
N LEU D 109 -5.90 -3.08 26.22
CA LEU D 109 -6.63 -3.99 27.10
C LEU D 109 -6.41 -3.53 28.55
N VAL D 110 -5.16 -3.15 28.83
CA VAL D 110 -4.79 -2.67 30.16
C VAL D 110 -5.54 -1.38 30.46
N LEU D 111 -5.48 -0.42 29.52
CA LEU D 111 -6.15 0.87 29.68
C LEU D 111 -7.66 0.69 29.87
N SER D 112 -8.22 -0.31 29.22
CA SER D 112 -9.66 -0.60 29.29
C SER D 112 -10.08 -1.40 30.52
N ARG D 113 -9.11 -1.93 31.25
CA ARG D 113 -9.40 -2.73 32.43
C ARG D 113 -10.19 -4.01 32.11
N ILE D 114 -9.96 -4.55 30.92
CA ILE D 114 -10.57 -5.79 30.47
C ILE D 114 -10.13 -6.85 31.47
N GLU D 115 -11.00 -7.80 31.79
CA GLU D 115 -10.69 -8.85 32.77
C GLU D 115 -9.78 -9.94 32.22
N LYS D 116 -10.06 -10.39 31.00
CA LYS D 116 -9.27 -11.46 30.40
C LYS D 116 -9.36 -11.42 28.89
N VAL D 117 -8.28 -11.85 28.21
CA VAL D 117 -8.29 -11.91 26.75
C VAL D 117 -7.97 -13.35 26.39
N ILE D 118 -8.73 -13.88 25.44
CA ILE D 118 -8.56 -15.25 24.96
C ILE D 118 -8.31 -15.15 23.46
N PHE D 119 -7.20 -15.72 23.01
CA PHE D 119 -6.81 -15.66 21.59
C PHE D 119 -6.47 -17.03 21.02
N SER D 120 -6.76 -17.24 19.74
CA SER D 120 -6.59 -18.54 19.08
C SER D 120 -5.39 -18.80 18.17
N ALA D 121 -4.47 -17.85 18.08
CA ALA D 121 -3.28 -18.00 17.26
C ALA D 121 -2.23 -17.06 17.81
N LEU D 122 -0.96 -17.40 17.59
CA LEU D 122 0.13 -16.57 18.06
C LEU D 122 0.67 -15.65 16.96
N ASP D 123 1.16 -14.48 17.36
CA ASP D 123 1.77 -13.54 16.43
C ASP D 123 3.21 -13.27 16.89
N LYS D 124 4.14 -14.08 16.38
CA LYS D 124 5.54 -13.95 16.78
C LYS D 124 6.24 -12.64 16.40
N LYS D 125 5.64 -11.88 15.48
CA LYS D 125 6.23 -10.61 15.03
C LYS D 125 5.71 -9.34 15.69
N HIS D 126 4.45 -9.37 16.13
CA HIS D 126 3.85 -8.19 16.73
C HIS D 126 3.14 -8.48 18.06
N GLY D 127 3.04 -9.75 18.41
CA GLY D 127 2.37 -10.16 19.64
C GLY D 127 2.87 -9.53 20.93
N GLY D 128 1.95 -8.90 21.68
CA GLY D 128 2.34 -8.27 22.92
C GLY D 128 1.88 -9.01 24.17
N VAL D 129 1.54 -10.28 24.03
CA VAL D 129 1.11 -11.06 25.20
C VAL D 129 2.12 -12.15 25.53
N VAL D 130 2.49 -12.95 24.53
CA VAL D 130 3.46 -14.02 24.78
C VAL D 130 4.66 -14.01 23.86
N SER D 131 4.56 -13.32 22.74
CA SER D 131 5.64 -13.28 21.75
C SER D 131 6.73 -12.22 21.93
N VAL D 132 6.55 -11.06 21.30
CA VAL D 132 7.55 -10.00 21.38
C VAL D 132 7.68 -9.37 22.76
N PHE D 133 6.56 -9.15 23.43
CA PHE D 133 6.55 -8.57 24.76
C PHE D 133 5.45 -9.20 25.60
N ASN D 134 5.64 -9.17 26.92
CA ASN D 134 4.64 -9.68 27.83
C ASN D 134 4.04 -8.45 28.49
N ILE D 135 3.38 -7.64 27.68
CA ILE D 135 2.76 -6.40 28.13
C ILE D 135 1.77 -6.60 29.27
N LEU D 136 0.97 -7.66 29.19
CA LEU D 136 -0.02 -7.92 30.24
C LEU D 136 0.55 -8.32 31.58
N ASP D 137 1.77 -8.83 31.58
CA ASP D 137 2.41 -9.28 32.81
C ASP D 137 3.48 -8.35 33.37
N GLU D 138 3.39 -7.07 33.04
CA GLU D 138 4.34 -6.08 33.55
C GLU D 138 3.91 -5.67 34.96
N PRO D 139 4.78 -5.88 35.96
CA PRO D 139 4.51 -5.53 37.37
C PRO D 139 4.04 -4.09 37.60
N THR D 140 4.63 -3.15 36.86
CA THR D 140 4.27 -1.74 36.97
C THR D 140 2.76 -1.54 36.96
N LEU D 141 2.11 -2.20 36.00
CA LEU D 141 0.66 -2.13 35.83
C LEU D 141 -0.15 -2.36 37.11
N ASN D 142 -1.14 -1.50 37.33
CA ASN D 142 -2.00 -1.61 38.50
C ASN D 142 -3.11 -2.64 38.23
N HIS D 143 -3.64 -2.61 37.01
CA HIS D 143 -4.67 -3.55 36.62
C HIS D 143 -4.01 -4.72 35.90
N ARG D 144 -4.32 -5.94 36.31
CA ARG D 144 -3.72 -7.09 35.64
C ARG D 144 -4.74 -7.82 34.79
N VAL D 145 -4.50 -7.77 33.49
CA VAL D 145 -5.35 -8.43 32.52
C VAL D 145 -4.88 -9.88 32.43
N LYS D 146 -5.79 -10.81 32.70
CA LYS D 146 -5.48 -12.23 32.61
C LYS D 146 -5.59 -12.64 31.14
N TRP D 147 -4.92 -13.72 30.75
CA TRP D 147 -5.02 -14.13 29.36
C TRP D 147 -4.95 -15.63 29.20
N GLU D 148 -5.37 -16.09 28.03
CA GLU D 148 -5.35 -17.51 27.74
C GLU D 148 -5.17 -17.74 26.25
N TYR D 149 -4.20 -18.58 25.92
CA TYR D 149 -3.96 -18.95 24.53
C TYR D 149 -4.74 -20.25 24.38
N TYR D 150 -5.71 -20.24 23.46
CA TYR D 150 -6.58 -21.37 23.19
C TYR D 150 -6.50 -21.56 21.67
N PRO D 151 -5.47 -22.27 21.20
CA PRO D 151 -5.28 -22.49 19.76
C PRO D 151 -6.41 -23.18 18.99
N LEU D 152 -6.65 -22.67 17.77
CA LEU D 152 -7.65 -23.22 16.85
C LEU D 152 -6.99 -23.12 15.48
N GLU D 153 -6.77 -24.25 14.84
CA GLU D 153 -6.12 -24.25 13.53
C GLU D 153 -6.82 -23.37 12.52
N GLU D 154 -8.13 -23.24 12.63
CA GLU D 154 -8.91 -22.41 11.72
C GLU D 154 -8.35 -21.00 11.70
N ALA D 155 -7.99 -20.49 12.88
CA ALA D 155 -7.43 -19.13 12.99
C ALA D 155 -6.08 -18.97 12.31
N SER D 156 -5.23 -19.98 12.41
CA SER D 156 -3.92 -19.91 11.77
C SER D 156 -4.07 -20.05 10.26
N GLU D 157 -5.03 -20.88 9.85
CA GLU D 157 -5.29 -21.11 8.44
C GLU D 157 -5.75 -19.83 7.74
N LEU D 158 -6.62 -19.04 8.39
CA LEU D 158 -7.09 -17.79 7.82
C LEU D 158 -5.92 -16.86 7.50
N LEU D 159 -5.02 -16.69 8.47
CA LEU D 159 -3.86 -15.84 8.26
C LEU D 159 -2.96 -16.37 7.13
N SER D 160 -2.68 -17.66 7.15
CA SER D 160 -1.82 -18.26 6.13
C SER D 160 -2.41 -18.06 4.74
N GLU D 161 -3.74 -18.16 4.62
CA GLU D 161 -4.40 -17.96 3.33
C GLU D 161 -4.28 -16.51 2.92
N PHE D 162 -4.34 -15.62 3.90
CA PHE D 162 -4.22 -14.20 3.63
C PHE D 162 -2.83 -13.89 3.06
N PHE D 163 -1.81 -14.49 3.66
CA PHE D 163 -0.42 -14.30 3.24
C PHE D 163 -0.18 -14.78 1.80
N LYS D 164 -0.94 -15.79 1.37
CA LYS D 164 -0.81 -16.32 0.02
C LYS D 164 -1.49 -15.36 -0.94
N LYS D 165 -2.59 -14.77 -0.50
CA LYS D 165 -3.33 -13.82 -1.33
C LYS D 165 -2.51 -12.54 -1.51
N LEU D 166 -1.77 -12.17 -0.47
CA LEU D 166 -0.94 -10.96 -0.51
C LEU D 166 0.15 -11.06 -1.57
N ARG D 167 0.92 -12.15 -1.54
CA ARG D 167 2.00 -12.32 -2.49
C ARG D 167 1.49 -12.48 -3.92
N ASN D 168 0.34 -13.10 -4.08
CA ASN D 168 -0.24 -13.30 -5.40
C ASN D 168 -0.65 -11.96 -6.02
N ASN D 169 -0.77 -10.93 -5.19
CA ASN D 169 -1.18 -9.62 -5.67
C ASN D 169 -0.04 -8.59 -5.77
N ILE D 170 1.20 -9.04 -5.65
CA ILE D 170 2.34 -8.11 -5.73
C ILE D 170 3.45 -8.59 -6.68
N ILE D 171 3.84 -7.71 -7.61
CA ILE D 171 4.89 -8.00 -8.58
C ILE D 171 5.56 -6.72 -9.06
ZN ZN E . 6.49 -7.00 -15.68
ZN ZN F . -0.83 -1.25 -25.84
ZN ZN G . -1.05 6.76 24.84
ZN ZN H . -3.46 -4.56 17.46
#